data_5JSN
#
_entry.id   5JSN
#
_cell.length_a   65.005
_cell.length_b   65.005
_cell.length_c   134.314
_cell.angle_alpha   90.00
_cell.angle_beta   90.00
_cell.angle_gamma   90.00
#
_symmetry.space_group_name_H-M   'P 41'
#
loop_
_entity.id
_entity.type
_entity.pdbx_description
1 polymer 'Apoptosis regulator Bcl-2'
2 polymer 'Bcl2 inhibitor'
3 water water
#
loop_
_entity_poly.entity_id
_entity_poly.type
_entity_poly.pdbx_seq_one_letter_code
_entity_poly.pdbx_strand_id
1 'polypeptide(L)'
;MAHAGRTGYDNREIVMKYIHYKLSQRGYEWDAGDVGAAPPGAAPAPGIFSSQPGHTPHPAASRDPVARTSPLQTPAAPGA
AAGPALSPVPPVVHLTLRQAGDDFSRRYRRDFAEMSSQLHLTPFTARGRFATVVEELFRDGVNWGRIVAFFEFGGVMCVE
SVNREMSPLVDNIALWMTEYLNRHLHTWIQDNGGWDAFVELYGPSMRLEHHHHHH
;
A,C
2 'polypeptide(L)'
;MADPKKVLDKAKDEAENRVRELKQRLEELYKEARKLDLTQEMRQELVDKARAASLQANGDIFYAILRALAEAEKLKKAGL
VNSQQLDELKRRLEELAEEARRKAEKLRDEFRLKLEYG
;
B,D
#
# COMPACT_ATOMS: atom_id res chain seq x y z
N THR A 7 -8.36 -9.22 38.53
CA THR A 7 -7.17 -10.12 38.39
C THR A 7 -6.15 -9.54 37.33
N GLY A 8 -5.26 -10.40 36.88
CA GLY A 8 -4.04 -9.99 36.24
C GLY A 8 -3.02 -9.46 37.21
N TYR A 9 -1.87 -9.19 36.64
CA TYR A 9 -0.66 -8.94 37.36
C TYR A 9 -0.58 -7.47 37.68
N ASP A 10 0.10 -7.19 38.79
CA ASP A 10 0.43 -5.87 39.20
C ASP A 10 1.35 -5.11 38.22
N ASN A 11 0.75 -4.10 37.59
CA ASN A 11 1.45 -3.34 36.56
C ASN A 11 2.48 -2.37 37.12
N ARG A 12 2.28 -1.86 38.32
CA ARG A 12 3.36 -1.10 39.00
C ARG A 12 4.64 -1.93 39.14
N GLU A 13 4.49 -3.19 39.51
CA GLU A 13 5.67 -4.06 39.68
C GLU A 13 6.35 -4.27 38.34
N ILE A 14 5.56 -4.48 37.29
CA ILE A 14 6.13 -4.71 36.00
C ILE A 14 6.99 -3.52 35.57
N VAL A 15 6.43 -2.33 35.77
CA VAL A 15 7.07 -1.07 35.40
C VAL A 15 8.32 -0.84 36.22
N MET A 16 8.25 -1.09 37.53
CA MET A 16 9.43 -0.88 38.37
C MET A 16 10.62 -1.75 38.03
N LYS A 17 10.37 -3.04 37.87
CA LYS A 17 11.41 -3.98 37.47
C LYS A 17 11.96 -3.65 36.10
N TYR A 18 11.09 -3.23 35.19
CA TYR A 18 11.54 -2.96 33.88
C TYR A 18 12.52 -1.72 33.90
N ILE A 19 12.12 -0.62 34.56
CA ILE A 19 12.94 0.60 34.61
C ILE A 19 14.17 0.35 35.42
N HIS A 20 14.01 -0.35 36.55
CA HIS A 20 15.20 -0.76 37.27
C HIS A 20 16.29 -1.45 36.42
N TYR A 21 15.89 -2.45 35.64
CA TYR A 21 16.79 -3.15 34.75
C TYR A 21 17.39 -2.24 33.65
N LYS A 22 16.56 -1.42 32.96
CA LYS A 22 17.10 -0.51 31.93
C LYS A 22 18.25 0.35 32.54
N LEU A 23 17.99 0.92 33.70
CA LEU A 23 18.98 1.73 34.39
C LEU A 23 20.23 0.99 34.87
N SER A 24 20.06 -0.15 35.53
CA SER A 24 21.20 -0.91 36.07
C SER A 24 22.03 -1.45 34.90
N GLN A 25 21.38 -1.84 33.80
CA GLN A 25 22.14 -2.15 32.58
C GLN A 25 23.03 -1.01 32.07
N ARG A 26 22.79 0.23 32.50
CA ARG A 26 23.67 1.37 32.18
C ARG A 26 24.43 1.92 33.37
N GLY A 27 24.70 1.05 34.33
CA GLY A 27 25.46 1.44 35.48
C GLY A 27 24.78 2.42 36.42
N TYR A 28 23.44 2.59 36.35
CA TYR A 28 22.74 3.42 37.32
C TYR A 28 21.85 2.61 38.25
N GLU A 29 21.98 2.87 39.53
CA GLU A 29 21.24 2.15 40.53
C GLU A 29 20.02 2.98 40.89
N TRP A 30 18.85 2.52 40.50
CA TRP A 30 17.61 3.21 40.82
C TRP A 30 16.87 2.60 42.04
N ASP A 31 16.85 3.30 43.15
CA ASP A 31 16.08 2.86 44.33
C ASP A 31 14.85 3.74 44.49
N ALA A 32 13.67 3.16 44.28
CA ALA A 32 12.39 3.82 44.60
C ALA A 32 11.25 2.83 44.54
N SER A 87 -2.08 -8.84 41.85
CA SER A 87 -1.49 -10.20 41.94
C SER A 87 0.06 -10.21 41.64
N PRO A 88 0.89 -10.85 42.55
CA PRO A 88 2.37 -10.96 42.41
C PRO A 88 2.83 -11.55 41.07
N VAL A 89 3.78 -10.89 40.38
CA VAL A 89 4.04 -11.30 38.98
C VAL A 89 5.21 -12.32 38.78
N PRO A 90 4.98 -13.37 37.99
CA PRO A 90 6.03 -14.39 37.83
C PRO A 90 7.30 -13.83 37.18
N PRO A 91 8.49 -14.32 37.61
CA PRO A 91 9.74 -13.98 36.95
C PRO A 91 9.70 -14.01 35.39
N VAL A 92 9.04 -15.01 34.83
CA VAL A 92 9.05 -15.20 33.41
C VAL A 92 8.42 -13.97 32.68
N VAL A 93 7.49 -13.27 33.31
CA VAL A 93 6.87 -12.07 32.70
C VAL A 93 7.91 -10.98 32.62
N HIS A 94 8.61 -10.79 33.73
CA HIS A 94 9.64 -9.77 33.76
C HIS A 94 10.75 -9.97 32.73
N LEU A 95 11.13 -11.23 32.61
CA LEU A 95 12.26 -11.68 31.78
C LEU A 95 11.92 -11.61 30.31
N THR A 96 10.72 -12.01 29.99
CA THR A 96 10.18 -11.91 28.65
C THR A 96 10.14 -10.44 28.14
N LEU A 97 9.60 -9.53 28.95
CA LEU A 97 9.46 -8.10 28.64
C LEU A 97 10.84 -7.39 28.52
N ARG A 98 11.82 -7.63 29.44
CA ARG A 98 13.16 -7.07 29.28
C ARG A 98 13.84 -7.58 28.01
N GLN A 99 13.61 -8.83 27.66
CA GLN A 99 14.21 -9.35 26.42
C GLN A 99 13.53 -8.81 25.10
N ALA A 100 12.19 -8.79 25.08
CA ALA A 100 11.46 -8.20 23.96
C ALA A 100 11.83 -6.72 23.81
N GLY A 101 11.90 -6.00 24.94
CA GLY A 101 12.39 -4.60 24.92
C GLY A 101 13.79 -4.38 24.43
N ASP A 102 14.75 -5.19 24.93
CA ASP A 102 16.12 -5.10 24.42
C ASP A 102 16.18 -5.37 22.89
N ASP A 103 15.36 -6.33 22.44
CA ASP A 103 15.26 -6.74 21.02
C ASP A 103 14.69 -5.58 20.14
N PHE A 104 13.63 -4.97 20.62
CA PHE A 104 13.05 -3.78 20.06
C PHE A 104 14.04 -2.58 19.96
N SER A 105 14.80 -2.33 21.01
CA SER A 105 15.78 -1.24 21.03
C SER A 105 16.97 -1.46 20.11
N ARG A 106 17.35 -2.71 19.91
CA ARG A 106 18.40 -3.09 19.01
C ARG A 106 17.93 -2.84 17.56
N ARG A 107 16.71 -3.17 17.22
CA ARG A 107 16.23 -2.87 15.89
C ARG A 107 15.94 -1.38 15.69
N TYR A 108 15.48 -0.65 16.72
CA TYR A 108 14.84 0.70 16.49
C TYR A 108 15.61 1.78 17.20
N ARG A 109 16.83 1.47 17.51
CA ARG A 109 17.78 2.31 18.21
C ARG A 109 18.04 3.68 17.57
N ARG A 110 18.18 3.69 16.26
CA ARG A 110 18.41 4.90 15.50
C ARG A 110 17.24 5.87 15.64
N ASP A 111 16.02 5.36 15.85
CA ASP A 111 14.80 6.15 15.93
C ASP A 111 14.70 6.78 17.30
N PHE A 112 14.98 5.99 18.37
CA PHE A 112 15.06 6.57 19.67
C PHE A 112 16.19 7.57 19.82
N ALA A 113 17.37 7.28 19.27
CA ALA A 113 18.48 8.23 19.24
C ALA A 113 18.12 9.58 18.63
N GLU A 114 17.38 9.56 17.52
CA GLU A 114 16.91 10.81 16.89
C GLU A 114 15.88 11.50 17.81
N MET A 115 14.97 10.75 18.39
CA MET A 115 14.04 11.30 19.42
C MET A 115 14.78 11.95 20.59
N SER A 116 15.64 11.17 21.22
CA SER A 116 16.26 11.54 22.49
C SER A 116 17.31 12.63 22.34
N SER A 117 18.02 12.71 21.22
CA SER A 117 18.82 13.86 20.92
C SER A 117 17.98 15.15 20.78
N GLN A 118 16.86 15.07 20.08
CA GLN A 118 15.97 16.23 19.83
C GLN A 118 14.94 16.45 20.96
N LEU A 119 15.41 16.31 22.19
CA LEU A 119 14.56 16.27 23.36
C LEU A 119 15.15 17.34 24.29
N HIS A 120 14.44 18.45 24.44
CA HIS A 120 14.72 19.39 25.51
C HIS A 120 13.78 18.85 26.54
N LEU A 121 14.33 18.59 27.70
CA LEU A 121 13.63 17.86 28.72
C LEU A 121 13.77 18.67 29.97
N THR A 122 12.66 18.96 30.64
CA THR A 122 12.71 19.63 31.94
C THR A 122 11.65 18.98 32.79
N PRO A 123 11.76 19.07 34.14
CA PRO A 123 10.73 18.39 34.97
C PRO A 123 9.30 18.78 34.64
N PHE A 124 9.13 20.05 34.27
CA PHE A 124 7.87 20.63 33.92
C PHE A 124 7.35 20.36 32.48
N THR A 125 8.23 19.98 31.54
CA THR A 125 7.93 19.62 30.11
C THR A 125 7.72 18.13 29.92
N ALA A 126 8.36 17.34 30.79
CA ALA A 126 8.53 15.91 30.53
C ALA A 126 7.21 15.21 30.33
N ARG A 127 6.17 15.59 31.11
CA ARG A 127 4.92 14.88 31.03
C ARG A 127 4.26 15.11 29.70
N GLY A 128 4.25 16.36 29.25
CA GLY A 128 3.74 16.64 27.90
C GLY A 128 4.35 15.84 26.75
N ARG A 129 5.66 15.68 26.75
CA ARG A 129 6.35 14.89 25.76
C ARG A 129 5.93 13.41 25.78
N PHE A 130 5.99 12.79 26.98
CA PHE A 130 5.49 11.46 27.19
C PHE A 130 4.04 11.34 26.67
N ALA A 131 3.16 12.29 27.07
CA ALA A 131 1.72 12.21 26.69
C ALA A 131 1.51 12.20 25.16
N THR A 132 2.23 13.05 24.45
CA THR A 132 2.04 13.14 22.98
C THR A 132 2.39 11.86 22.23
N VAL A 133 3.47 11.29 22.64
CA VAL A 133 3.97 10.05 22.07
C VAL A 133 3.00 8.86 22.33
N VAL A 134 2.61 8.65 23.58
CA VAL A 134 1.78 7.52 23.90
C VAL A 134 0.40 7.69 23.38
N GLU A 135 -0.10 8.92 23.27
CA GLU A 135 -1.38 9.15 22.65
C GLU A 135 -1.41 8.74 21.18
N GLU A 136 -0.44 9.20 20.43
CA GLU A 136 -0.25 8.78 19.02
C GLU A 136 0.00 7.26 18.92
N LEU A 137 0.75 6.69 19.88
CA LEU A 137 1.07 5.25 19.84
C LEU A 137 -0.14 4.32 19.95
N PHE A 138 -1.08 4.70 20.77
CA PHE A 138 -2.23 3.90 20.97
C PHE A 138 -3.51 4.52 20.37
N ARG A 139 -3.37 5.43 19.40
CA ARG A 139 -4.52 6.25 18.86
C ARG A 139 -5.73 5.40 18.38
N ASP A 140 -5.40 4.38 17.61
CA ASP A 140 -6.36 3.49 16.98
C ASP A 140 -6.20 2.00 17.44
N GLY A 141 -5.66 1.77 18.61
CA GLY A 141 -5.71 0.42 19.19
C GLY A 141 -4.47 0.08 19.93
N VAL A 142 -4.50 -1.13 20.46
CA VAL A 142 -3.35 -1.70 21.17
C VAL A 142 -2.98 -3.02 20.53
N ASN A 143 -1.70 -3.34 20.48
CA ASN A 143 -1.23 -4.68 20.28
C ASN A 143 0.05 -4.87 21.07
N TRP A 144 0.57 -6.10 21.18
CA TRP A 144 1.72 -6.30 21.99
C TRP A 144 2.92 -5.53 21.49
N GLY A 145 3.05 -5.31 20.22
CA GLY A 145 4.25 -4.59 19.72
C GLY A 145 4.16 -3.13 20.20
N ARG A 146 2.97 -2.53 20.11
CA ARG A 146 2.84 -1.11 20.62
C ARG A 146 3.20 -1.06 22.09
N ILE A 147 2.78 -2.08 22.84
CA ILE A 147 3.14 -2.17 24.27
C ILE A 147 4.61 -2.23 24.53
N VAL A 148 5.33 -3.06 23.74
CA VAL A 148 6.74 -3.06 23.87
C VAL A 148 7.38 -1.72 23.47
N ALA A 149 6.80 -1.04 22.43
CA ALA A 149 7.31 0.27 22.02
C ALA A 149 7.14 1.28 23.13
N PHE A 150 5.97 1.22 23.79
CA PHE A 150 5.70 1.93 24.99
C PHE A 150 6.70 1.77 26.15
N PHE A 151 6.97 0.54 26.47
CA PHE A 151 7.95 0.26 27.49
C PHE A 151 9.31 0.86 27.18
N GLU A 152 9.82 0.62 25.98
CA GLU A 152 11.09 1.14 25.59
C GLU A 152 11.03 2.61 25.43
N PHE A 153 9.92 3.18 24.97
CA PHE A 153 9.91 4.64 25.00
C PHE A 153 10.11 5.15 26.42
N GLY A 154 9.40 4.56 27.37
CA GLY A 154 9.48 5.12 28.73
C GLY A 154 10.91 4.91 29.27
N GLY A 155 11.55 3.79 28.93
CA GLY A 155 12.93 3.55 29.27
C GLY A 155 13.95 4.53 28.76
N VAL A 156 13.78 4.96 27.50
CA VAL A 156 14.62 5.95 26.88
C VAL A 156 14.51 7.30 27.55
N MET A 157 13.29 7.74 27.90
CA MET A 157 13.12 8.95 28.70
C MET A 157 13.76 8.86 30.10
N CYS A 158 13.70 7.70 30.74
CA CYS A 158 14.46 7.49 32.00
C CYS A 158 15.96 7.58 31.87
N VAL A 159 16.52 6.91 30.86
CA VAL A 159 17.93 6.97 30.61
C VAL A 159 18.37 8.35 30.23
N GLU A 160 17.60 9.02 29.42
CA GLU A 160 17.98 10.40 29.06
C GLU A 160 18.00 11.30 30.36
N SER A 161 17.06 11.07 31.25
CA SER A 161 16.91 11.87 32.46
C SER A 161 18.13 11.77 33.32
N VAL A 162 18.62 10.54 33.52
CA VAL A 162 19.82 10.28 34.34
C VAL A 162 21.02 10.91 33.57
N ASN A 163 21.05 10.75 32.24
CA ASN A 163 22.13 11.35 31.43
C ASN A 163 22.23 12.86 31.58
N ARG A 164 21.09 13.54 31.70
CA ARG A 164 21.06 14.98 31.81
C ARG A 164 21.04 15.48 33.22
N GLU A 165 21.32 14.61 34.17
CA GLU A 165 21.43 15.01 35.57
C GLU A 165 20.05 15.37 36.10
N MET A 166 19.02 14.71 35.60
CA MET A 166 17.64 14.89 36.10
C MET A 166 17.04 13.55 36.51
N SER A 167 17.77 12.82 37.36
CA SER A 167 17.37 11.52 37.96
C SER A 167 16.02 11.46 38.66
N PRO A 168 15.58 12.52 39.35
CA PRO A 168 14.25 12.41 39.99
C PRO A 168 13.12 12.28 39.00
N LEU A 169 13.35 12.64 37.73
CA LEU A 169 12.34 12.40 36.72
C LEU A 169 12.06 10.97 36.42
N VAL A 170 12.99 10.05 36.73
CA VAL A 170 12.69 8.64 36.53
C VAL A 170 11.48 8.19 37.42
N ASP A 171 11.36 8.70 38.66
CA ASP A 171 10.18 8.34 39.49
C ASP A 171 8.82 8.78 38.93
N ASN A 172 8.78 10.03 38.47
CA ASN A 172 7.62 10.52 37.75
C ASN A 172 7.29 9.68 36.51
N ILE A 173 8.31 9.27 35.73
CA ILE A 173 8.09 8.60 34.45
C ILE A 173 7.55 7.20 34.64
N ALA A 174 8.12 6.51 35.60
CA ALA A 174 7.57 5.25 36.10
C ALA A 174 6.11 5.40 36.59
N LEU A 175 5.78 6.49 37.28
CA LEU A 175 4.37 6.77 37.64
C LEU A 175 3.48 6.90 36.40
N TRP A 176 3.93 7.63 35.40
CA TRP A 176 3.10 7.85 34.23
C TRP A 176 2.85 6.55 33.45
N MET A 177 3.88 5.70 33.41
CA MET A 177 3.81 4.44 32.69
C MET A 177 2.81 3.61 33.46
N THR A 178 2.93 3.55 34.80
CA THR A 178 2.02 2.82 35.64
C THR A 178 0.54 3.22 35.50
N GLU A 179 0.28 4.53 35.54
CA GLU A 179 -1.09 5.04 35.37
C GLU A 179 -1.64 4.81 33.96
N TYR A 180 -0.86 5.06 32.92
CA TYR A 180 -1.28 4.67 31.56
C TYR A 180 -1.64 3.17 31.38
N LEU A 181 -0.82 2.29 31.91
CA LEU A 181 -1.13 0.86 31.95
C LEU A 181 -2.42 0.56 32.68
N ASN A 182 -2.53 1.01 33.91
CA ASN A 182 -3.72 0.72 34.73
C ASN A 182 -5.03 1.35 34.16
N ARG A 183 -4.91 2.55 33.57
CA ARG A 183 -6.09 3.30 33.21
C ARG A 183 -6.46 3.05 31.74
N HIS A 184 -5.51 2.73 30.86
CA HIS A 184 -5.75 2.61 29.41
C HIS A 184 -5.44 1.30 28.76
N LEU A 185 -4.50 0.52 29.27
CA LEU A 185 -4.12 -0.67 28.62
C LEU A 185 -4.62 -1.90 29.33
N HIS A 186 -4.94 -1.83 30.65
CA HIS A 186 -5.29 -2.98 31.40
C HIS A 186 -6.40 -3.91 30.87
N THR A 187 -7.47 -3.32 30.43
CA THR A 187 -8.59 -4.11 29.98
C THR A 187 -8.32 -4.74 28.63
N TRP A 188 -7.53 -4.12 27.78
CA TRP A 188 -7.07 -4.74 26.59
C TRP A 188 -6.09 -5.90 26.86
N ILE A 189 -5.15 -5.68 27.76
CA ILE A 189 -4.27 -6.81 28.20
C ILE A 189 -5.12 -8.01 28.70
N GLN A 190 -6.07 -7.76 29.58
CA GLN A 190 -6.90 -8.82 30.10
C GLN A 190 -7.80 -9.53 29.06
N ASP A 191 -8.47 -8.75 28.20
CA ASP A 191 -9.21 -9.27 27.08
C ASP A 191 -8.39 -10.10 26.09
N ASN A 192 -7.09 -9.85 26.01
CA ASN A 192 -6.22 -10.56 25.13
C ASN A 192 -5.34 -11.60 25.83
N GLY A 193 -5.76 -12.07 27.00
CA GLY A 193 -5.17 -13.25 27.66
C GLY A 193 -4.16 -12.98 28.74
N GLY A 194 -3.97 -11.70 29.05
CA GLY A 194 -3.07 -11.22 30.07
C GLY A 194 -1.66 -11.26 29.58
N TRP A 195 -0.76 -10.87 30.47
CA TRP A 195 0.66 -11.00 30.23
C TRP A 195 1.19 -12.41 29.92
N ASP A 196 0.48 -13.45 30.37
CA ASP A 196 0.74 -14.84 29.95
C ASP A 196 0.64 -15.04 28.42
N ALA A 197 -0.31 -14.39 27.75
CA ALA A 197 -0.37 -14.43 26.28
C ALA A 197 0.83 -13.83 25.68
N PHE A 198 1.37 -12.76 26.27
CA PHE A 198 2.57 -12.16 25.75
C PHE A 198 3.81 -13.07 25.83
N VAL A 199 3.97 -13.66 27.01
CA VAL A 199 5.01 -14.66 27.28
C VAL A 199 4.99 -15.76 26.22
N GLU A 200 3.80 -16.27 25.97
CA GLU A 200 3.56 -17.29 24.92
C GLU A 200 3.86 -16.81 23.49
N LEU A 201 3.44 -15.59 23.15
CA LEU A 201 3.77 -14.98 21.86
C LEU A 201 5.28 -14.76 21.61
N TYR A 202 5.97 -14.17 22.60
CA TYR A 202 7.38 -13.99 22.51
C TYR A 202 8.26 -15.26 22.69
N GLY A 203 7.75 -16.33 23.30
CA GLY A 203 8.54 -17.57 23.52
C GLY A 203 9.26 -18.07 22.26
N PRO A 204 8.55 -18.12 21.11
CA PRO A 204 9.22 -18.55 19.87
C PRO A 204 10.41 -17.66 19.50
N SER A 205 10.34 -16.36 19.74
CA SER A 205 11.54 -15.51 19.56
C SER A 205 12.61 -15.75 20.62
N MET A 206 12.21 -16.13 21.84
CA MET A 206 13.18 -16.39 22.93
C MET A 206 13.98 -17.63 22.63
N ARG A 207 13.27 -18.70 22.25
CA ARG A 207 13.88 -20.00 21.96
C ARG A 207 14.90 -19.97 20.79
N LEU A 208 14.95 -18.88 20.02
CA LEU A 208 16.06 -18.67 19.05
C LEU A 208 17.34 -18.19 19.75
N GLU A 209 17.21 -17.17 20.62
CA GLU A 209 18.29 -16.77 21.55
C GLU A 209 18.43 -17.76 22.72
N ASP B 3 6.11 -24.30 2.30
CA ASP B 3 7.20 -23.43 1.77
C ASP B 3 7.62 -22.37 2.81
N PRO B 4 8.87 -22.47 3.35
CA PRO B 4 9.43 -21.50 4.36
C PRO B 4 9.51 -20.03 3.92
N LYS B 5 9.70 -19.80 2.61
CA LYS B 5 9.68 -18.46 2.03
C LYS B 5 8.37 -17.68 2.26
N LYS B 6 7.24 -18.39 2.29
CA LYS B 6 5.95 -17.73 2.43
C LYS B 6 5.83 -17.02 3.77
N VAL B 7 6.51 -17.50 4.81
CA VAL B 7 6.44 -16.75 6.08
C VAL B 7 7.11 -15.40 5.90
N LEU B 8 8.30 -15.39 5.31
CA LEU B 8 9.01 -14.15 5.06
C LEU B 8 8.19 -13.22 4.14
N ASP B 9 7.50 -13.77 3.15
CA ASP B 9 6.68 -12.97 2.21
C ASP B 9 5.48 -12.28 2.86
N LYS B 10 4.80 -12.99 3.74
CA LYS B 10 3.65 -12.40 4.46
C LYS B 10 4.12 -11.24 5.38
N ALA B 11 5.24 -11.42 6.06
CA ALA B 11 5.78 -10.43 6.95
C ALA B 11 6.19 -9.16 6.10
N LYS B 12 6.77 -9.38 4.93
CA LYS B 12 7.09 -8.28 3.95
C LYS B 12 5.87 -7.53 3.53
N ASP B 13 4.85 -8.25 3.11
CA ASP B 13 3.58 -7.68 2.74
C ASP B 13 3.04 -6.76 3.83
N GLU B 14 3.06 -7.27 5.04
CA GLU B 14 2.52 -6.57 6.22
C GLU B 14 3.28 -5.30 6.49
N ALA B 15 4.60 -5.39 6.38
CA ALA B 15 5.49 -4.32 6.63
C ALA B 15 5.37 -3.23 5.59
N GLU B 16 5.25 -3.62 4.34
CA GLU B 16 5.14 -2.69 3.24
C GLU B 16 3.79 -1.98 3.32
N ASN B 17 2.73 -2.71 3.67
CA ASN B 17 1.41 -2.07 3.95
C ASN B 17 1.49 -1.04 5.08
N ARG B 18 2.20 -1.40 6.16
CA ARG B 18 2.23 -0.53 7.31
C ARG B 18 2.95 0.79 7.01
N VAL B 19 4.03 0.72 6.25
CA VAL B 19 4.75 1.93 5.73
C VAL B 19 3.81 2.81 4.86
N ARG B 20 2.96 2.18 4.06
CA ARG B 20 2.01 2.95 3.20
C ARG B 20 0.99 3.55 4.11
N GLU B 21 0.61 2.87 5.21
CA GLU B 21 -0.25 3.55 6.17
C GLU B 21 0.44 4.68 6.82
N LEU B 22 1.73 4.52 7.14
CA LEU B 22 2.45 5.65 7.72
C LEU B 22 2.49 6.91 6.81
N LYS B 23 2.77 6.69 5.53
CA LYS B 23 2.85 7.75 4.54
C LYS B 23 1.53 8.50 4.58
N GLN B 24 0.46 7.73 4.50
CA GLN B 24 -0.87 8.24 4.68
C GLN B 24 -1.10 9.07 5.91
N ARG B 25 -0.69 8.57 7.05
CA ARG B 25 -0.87 9.30 8.32
C ARG B 25 -0.08 10.61 8.35
N LEU B 26 1.12 10.62 7.80
CA LEU B 26 1.95 11.81 7.77
C LEU B 26 1.43 12.83 6.73
N GLU B 27 0.81 12.36 5.66
CA GLU B 27 0.04 13.25 4.79
C GLU B 27 -1.19 13.88 5.49
N GLU B 28 -1.99 13.10 6.24
CA GLU B 28 -3.02 13.72 7.10
C GLU B 28 -2.38 14.78 7.99
N LEU B 29 -1.32 14.41 8.72
CA LEU B 29 -0.64 15.39 9.54
C LEU B 29 -0.13 16.64 8.81
N TYR B 30 0.38 16.49 7.59
CA TYR B 30 0.88 17.62 6.81
C TYR B 30 -0.25 18.50 6.27
N LYS B 31 -1.39 17.86 5.96
CA LYS B 31 -2.56 18.54 5.31
C LYS B 31 -3.24 19.46 6.32
N GLU B 32 -3.44 18.97 7.52
CA GLU B 32 -3.96 19.77 8.61
C GLU B 32 -2.89 20.65 9.30
N ALA B 33 -1.61 20.51 8.91
CA ALA B 33 -0.60 21.53 9.22
C ALA B 33 -0.67 22.70 8.23
N ARG B 34 -0.84 22.36 6.94
CA ARG B 34 -0.89 23.33 5.84
C ARG B 34 -1.95 24.39 6.02
N LYS B 35 -3.18 23.95 6.33
CA LYS B 35 -4.32 24.85 6.49
C LYS B 35 -4.11 25.86 7.64
N LEU B 36 -3.37 25.42 8.66
CA LEU B 36 -2.95 26.27 9.77
C LEU B 36 -1.70 27.02 9.30
N ASP B 37 -1.18 27.96 10.09
CA ASP B 37 0.10 28.63 9.81
C ASP B 37 0.86 28.76 11.15
N LEU B 38 2.08 28.22 11.21
CA LEU B 38 2.63 27.68 12.48
C LEU B 38 3.79 28.44 13.08
N THR B 39 3.87 28.30 14.39
CA THR B 39 4.96 28.82 15.18
C THR B 39 5.99 27.70 15.28
N GLN B 40 7.06 27.95 16.02
CA GLN B 40 8.05 26.88 16.29
C GLN B 40 7.56 25.81 17.24
N GLU B 41 6.92 26.22 18.33
CA GLU B 41 6.30 25.27 19.25
C GLU B 41 5.37 24.24 18.54
N MET B 42 4.49 24.76 17.67
CA MET B 42 3.47 23.94 17.00
C MET B 42 4.09 22.95 16.00
N ARG B 43 5.19 23.39 15.37
CA ARG B 43 5.90 22.69 14.35
C ARG B 43 6.75 21.56 14.94
N GLN B 44 7.41 21.87 16.05
CA GLN B 44 8.09 20.85 16.85
C GLN B 44 7.13 19.80 17.35
N GLU B 45 5.94 20.19 17.81
CA GLU B 45 4.89 19.19 18.15
C GLU B 45 4.54 18.24 16.97
N LEU B 46 4.46 18.76 15.75
CA LEU B 46 4.09 17.95 14.61
C LEU B 46 5.22 16.98 14.27
N VAL B 47 6.47 17.44 14.35
CA VAL B 47 7.60 16.62 14.15
C VAL B 47 7.61 15.50 15.16
N ASP B 48 7.40 15.83 16.42
CA ASP B 48 7.22 14.82 17.46
C ASP B 48 6.06 13.86 17.26
N LYS B 49 4.91 14.34 16.80
CA LYS B 49 3.84 13.41 16.43
C LYS B 49 4.26 12.46 15.25
N ALA B 50 5.12 12.95 14.38
CA ALA B 50 5.58 12.20 13.24
C ALA B 50 6.52 11.07 13.74
N ARG B 51 7.41 11.41 14.66
CA ARG B 51 8.31 10.47 15.31
C ARG B 51 7.46 9.43 16.05
N ALA B 52 6.37 9.83 16.76
CA ALA B 52 5.49 8.88 17.43
C ALA B 52 4.65 7.99 16.54
N ALA B 53 4.19 8.55 15.41
CA ALA B 53 3.61 7.77 14.38
C ALA B 53 4.62 6.71 13.81
N SER B 54 5.88 7.02 13.63
CA SER B 54 6.89 6.03 13.26
C SER B 54 7.17 4.97 14.30
N LEU B 55 7.14 5.37 15.55
CA LEU B 55 7.25 4.48 16.65
C LEU B 55 6.13 3.45 16.55
N GLN B 56 4.93 3.93 16.31
CA GLN B 56 3.80 3.06 16.21
C GLN B 56 4.03 2.07 15.05
N ALA B 57 4.40 2.55 13.87
CA ALA B 57 4.67 1.64 12.74
C ALA B 57 5.74 0.58 13.10
N ASN B 58 6.72 0.99 13.86
CA ASN B 58 7.75 0.09 14.25
C ASN B 58 7.23 -0.96 15.26
N GLY B 59 6.45 -0.53 16.24
CA GLY B 59 5.66 -1.44 17.01
C GLY B 59 4.85 -2.50 16.28
N ASP B 60 4.15 -2.07 15.22
CA ASP B 60 3.30 -2.97 14.43
C ASP B 60 4.07 -3.93 13.64
N ILE B 61 5.20 -3.50 13.17
CA ILE B 61 6.04 -4.33 12.41
C ILE B 61 6.80 -5.28 13.33
N PHE B 62 7.26 -4.81 14.47
CA PHE B 62 7.79 -5.69 15.48
C PHE B 62 6.73 -6.81 15.77
N TYR B 63 5.49 -6.42 15.94
CA TYR B 63 4.41 -7.39 16.26
C TYR B 63 4.22 -8.39 15.06
N ALA B 64 4.25 -7.91 13.82
CA ALA B 64 4.18 -8.78 12.69
C ALA B 64 5.31 -9.82 12.68
N ILE B 65 6.49 -9.42 13.13
CA ILE B 65 7.63 -10.24 13.27
C ILE B 65 7.57 -11.26 14.42
N LEU B 66 7.01 -10.88 15.55
CA LEU B 66 6.72 -11.84 16.59
C LEU B 66 5.80 -12.92 16.08
N ARG B 67 4.76 -12.54 15.35
CA ARG B 67 3.83 -13.49 14.80
C ARG B 67 4.48 -14.41 13.73
N ALA B 68 5.37 -13.87 12.89
CA ALA B 68 6.12 -14.65 11.91
C ALA B 68 7.07 -15.70 12.55
N LEU B 69 7.75 -15.32 13.59
CA LEU B 69 8.51 -16.22 14.37
C LEU B 69 7.69 -17.30 15.09
N ALA B 70 6.49 -16.95 15.58
CA ALA B 70 5.63 -17.98 16.15
C ALA B 70 5.12 -19.00 15.11
N GLU B 71 4.64 -18.51 13.98
CA GLU B 71 4.38 -19.39 12.88
C GLU B 71 5.58 -20.25 12.49
N ALA B 72 6.74 -19.63 12.42
CA ALA B 72 7.99 -20.33 12.04
C ALA B 72 8.23 -21.49 13.00
N GLU B 73 8.00 -21.27 14.29
CA GLU B 73 8.18 -22.30 15.23
C GLU B 73 7.19 -23.46 15.00
N LYS B 74 5.95 -23.18 14.66
CA LYS B 74 5.02 -24.26 14.36
C LYS B 74 5.43 -25.09 13.15
N LEU B 75 5.92 -24.43 12.13
CA LEU B 75 6.44 -25.09 10.96
C LEU B 75 7.59 -25.99 11.34
N LYS B 76 8.40 -25.55 12.30
CA LYS B 76 9.57 -26.31 12.70
C LYS B 76 9.13 -27.61 13.41
N LYS B 77 8.15 -27.51 14.31
CA LYS B 77 7.54 -28.64 15.03
C LYS B 77 6.87 -29.64 14.02
N ALA B 78 6.19 -29.11 12.99
CA ALA B 78 5.67 -29.98 11.90
C ALA B 78 6.77 -30.51 10.95
N GLY B 79 8.03 -30.08 11.13
CA GLY B 79 9.16 -30.57 10.30
C GLY B 79 9.19 -29.97 8.89
N LEU B 80 8.46 -28.89 8.65
CA LEU B 80 8.39 -28.20 7.34
C LEU B 80 9.47 -27.14 7.16
N VAL B 81 10.29 -26.95 8.18
CA VAL B 81 11.44 -26.07 8.12
C VAL B 81 12.38 -26.58 9.22
N ASN B 82 13.68 -26.27 9.16
CA ASN B 82 14.66 -26.82 10.12
C ASN B 82 15.28 -25.68 10.95
N SER B 83 16.24 -25.99 11.82
CA SER B 83 16.87 -24.91 12.63
C SER B 83 17.70 -23.87 11.87
N GLN B 84 18.30 -24.29 10.75
CA GLN B 84 19.10 -23.40 9.86
C GLN B 84 18.21 -22.44 9.09
N GLN B 85 17.17 -22.98 8.47
CA GLN B 85 16.23 -22.15 7.71
C GLN B 85 15.54 -21.13 8.62
N LEU B 86 15.22 -21.58 9.82
CA LEU B 86 14.75 -20.74 10.90
C LEU B 86 15.79 -19.63 11.29
N ASP B 87 17.07 -19.97 11.30
CA ASP B 87 18.16 -18.98 11.41
C ASP B 87 18.21 -17.97 10.26
N GLU B 88 18.02 -18.46 9.03
CA GLU B 88 17.93 -17.61 7.86
C GLU B 88 16.69 -16.68 7.94
N LEU B 89 15.57 -17.23 8.40
CA LEU B 89 14.34 -16.48 8.47
C LEU B 89 14.52 -15.35 9.47
N LYS B 90 15.04 -15.67 10.64
CA LYS B 90 15.34 -14.66 11.64
C LYS B 90 16.17 -13.52 11.03
N ARG B 91 17.25 -13.91 10.34
CA ARG B 91 18.15 -12.96 9.64
C ARG B 91 17.43 -12.05 8.65
N ARG B 92 16.60 -12.64 7.79
CA ARG B 92 15.79 -11.89 6.84
C ARG B 92 14.75 -10.94 7.52
N LEU B 93 14.11 -11.41 8.59
CA LEU B 93 13.16 -10.62 9.35
C LEU B 93 13.86 -9.39 9.99
N GLU B 94 15.13 -9.50 10.44
CA GLU B 94 15.87 -8.35 10.97
C GLU B 94 16.28 -7.35 9.87
N GLU B 95 16.73 -7.86 8.72
CA GLU B 95 17.02 -6.96 7.60
C GLU B 95 15.71 -6.26 7.15
N LEU B 96 14.62 -7.03 7.10
CA LEU B 96 13.31 -6.48 6.86
C LEU B 96 12.91 -5.31 7.78
N ALA B 97 13.15 -5.47 9.08
CA ALA B 97 12.79 -4.47 10.08
C ALA B 97 13.60 -3.23 9.80
N GLU B 98 14.86 -3.41 9.45
CA GLU B 98 15.74 -2.30 9.18
C GLU B 98 15.26 -1.61 7.86
N GLU B 99 14.92 -2.38 6.84
CA GLU B 99 14.51 -1.79 5.56
C GLU B 99 13.25 -0.95 5.77
N ALA B 100 12.31 -1.48 6.55
CA ALA B 100 11.09 -0.76 6.88
C ALA B 100 11.34 0.48 7.74
N ARG B 101 12.22 0.34 8.69
CA ARG B 101 12.69 1.45 9.46
C ARG B 101 13.34 2.58 8.60
N ARG B 102 14.29 2.23 7.73
CA ARG B 102 14.89 3.19 6.77
C ARG B 102 13.79 3.94 6.00
N LYS B 103 12.83 3.21 5.48
CA LYS B 103 11.73 3.82 4.71
C LYS B 103 10.87 4.77 5.49
N ALA B 104 10.51 4.39 6.71
CA ALA B 104 9.85 5.31 7.62
C ALA B 104 10.63 6.54 7.94
N GLU B 105 11.95 6.43 8.10
CA GLU B 105 12.80 7.60 8.35
C GLU B 105 12.76 8.60 7.16
N LYS B 106 12.82 8.07 5.96
CA LYS B 106 12.77 8.87 4.72
C LYS B 106 11.43 9.53 4.68
N LEU B 107 10.36 8.79 4.93
CA LEU B 107 9.09 9.46 5.07
C LEU B 107 9.15 10.62 6.11
N ARG B 108 9.83 10.46 7.27
CA ARG B 108 9.94 11.63 8.24
C ARG B 108 10.67 12.78 7.72
N ASP B 109 11.88 12.52 7.23
CA ASP B 109 12.68 13.60 6.72
C ASP B 109 11.91 14.39 5.66
N GLU B 110 11.16 13.70 4.81
CA GLU B 110 10.38 14.38 3.77
C GLU B 110 9.18 15.11 4.34
N PHE B 111 8.57 14.61 5.41
CA PHE B 111 7.53 15.36 6.13
C PHE B 111 8.04 16.74 6.60
N ARG B 112 9.21 16.79 7.22
CA ARG B 112 9.82 18.06 7.74
C ARG B 112 10.19 19.01 6.64
N LEU B 113 10.91 18.48 5.66
CA LEU B 113 11.26 19.32 4.53
C LEU B 113 9.99 19.98 3.93
N LYS B 114 8.88 19.24 3.85
CA LYS B 114 7.58 19.78 3.42
C LYS B 114 7.05 20.78 4.45
N LEU B 115 7.12 20.45 5.74
CA LEU B 115 6.65 21.36 6.81
C LEU B 115 7.32 22.75 6.65
N GLU B 116 8.65 22.78 6.76
CA GLU B 116 9.42 24.05 6.79
C GLU B 116 9.56 24.78 5.44
N TYR B 117 9.58 24.04 4.34
CA TYR B 117 9.79 24.56 3.00
C TYR B 117 8.67 24.12 2.10
N THR C 7 4.82 11.69 -39.33
CA THR C 7 5.62 10.83 -38.38
C THR C 7 4.67 9.76 -37.82
N GLY C 8 5.07 8.47 -37.86
CA GLY C 8 4.27 7.43 -37.28
C GLY C 8 3.16 6.90 -38.14
N TYR C 9 2.53 5.89 -37.60
CA TYR C 9 1.59 5.06 -38.32
C TYR C 9 0.20 5.68 -38.34
N ASP C 10 -0.54 5.33 -39.40
CA ASP C 10 -1.93 5.74 -39.59
C ASP C 10 -2.91 5.22 -38.54
N ASN C 11 -3.36 6.14 -37.69
CA ASN C 11 -4.19 5.80 -36.56
C ASN C 11 -5.60 5.45 -36.98
N ARG C 12 -6.08 5.96 -38.12
CA ARG C 12 -7.38 5.51 -38.63
C ARG C 12 -7.30 4.03 -38.95
N GLU C 13 -6.24 3.59 -39.62
CA GLU C 13 -6.07 2.18 -40.01
C GLU C 13 -5.97 1.30 -38.71
N ILE C 14 -5.25 1.76 -37.70
CA ILE C 14 -5.18 0.99 -36.43
C ILE C 14 -6.57 0.81 -35.79
N VAL C 15 -7.33 1.89 -35.73
CA VAL C 15 -8.65 1.90 -35.20
C VAL C 15 -9.56 1.00 -36.03
N MET C 16 -9.55 1.16 -37.35
CA MET C 16 -10.45 0.36 -38.19
C MET C 16 -10.23 -1.13 -38.03
N LYS C 17 -8.95 -1.54 -38.05
CA LYS C 17 -8.62 -2.96 -37.96
C LYS C 17 -8.92 -3.51 -36.59
N TYR C 18 -8.73 -2.69 -35.59
CA TYR C 18 -9.09 -3.08 -34.26
C TYR C 18 -10.59 -3.33 -34.13
N ILE C 19 -11.40 -2.35 -34.57
CA ILE C 19 -12.88 -2.46 -34.43
C ILE C 19 -13.38 -3.52 -35.30
N HIS C 20 -12.88 -3.57 -36.52
CA HIS C 20 -13.25 -4.68 -37.36
C HIS C 20 -13.15 -6.08 -36.71
N TYR C 21 -11.99 -6.33 -36.15
CA TYR C 21 -11.73 -7.58 -35.43
C TYR C 21 -12.65 -7.82 -34.21
N LYS C 22 -12.85 -6.83 -33.34
CA LYS C 22 -13.75 -6.99 -32.21
C LYS C 22 -15.13 -7.41 -32.66
N LEU C 23 -15.66 -6.74 -33.68
CA LEU C 23 -16.91 -7.13 -34.31
C LEU C 23 -16.96 -8.52 -34.96
N SER C 24 -15.99 -8.85 -35.80
CA SER C 24 -15.99 -10.13 -36.51
C SER C 24 -15.79 -11.25 -35.49
N GLN C 25 -14.96 -11.05 -34.46
CA GLN C 25 -14.92 -12.02 -33.36
C GLN C 25 -16.29 -12.28 -32.68
N ARG C 26 -17.29 -11.43 -32.90
CA ARG C 26 -18.66 -11.65 -32.47
C ARG C 26 -19.64 -11.85 -33.59
N GLY C 27 -19.14 -12.44 -34.67
CA GLY C 27 -19.98 -12.77 -35.80
C GLY C 27 -20.58 -11.59 -36.51
N TYR C 28 -20.12 -10.33 -36.28
CA TYR C 28 -20.62 -9.17 -37.06
C TYR C 28 -19.60 -8.68 -38.08
N GLU C 29 -20.08 -8.48 -39.30
CA GLU C 29 -19.23 -8.12 -40.39
C GLU C 29 -19.37 -6.63 -40.61
N TRP C 30 -18.34 -5.89 -40.26
CA TRP C 30 -18.41 -4.43 -40.35
C TRP C 30 -17.81 -3.96 -41.66
N ASP C 31 -18.62 -3.39 -42.56
CA ASP C 31 -18.12 -2.85 -43.84
C ASP C 31 -18.19 -1.30 -43.80
N ALA C 32 -17.03 -0.67 -43.65
CA ALA C 32 -16.91 0.79 -43.68
C ALA C 32 -15.43 1.13 -43.73
N SER C 87 2.83 1.21 -48.10
CA SER C 87 2.99 0.54 -46.76
C SER C 87 1.81 0.64 -45.79
N PRO C 88 1.11 -0.50 -45.55
CA PRO C 88 0.39 -0.72 -44.29
C PRO C 88 1.20 -0.31 -43.05
N VAL C 89 0.52 0.16 -41.99
CA VAL C 89 1.08 0.02 -40.61
C VAL C 89 1.40 -1.46 -40.61
N PRO C 90 2.52 -1.85 -40.01
CA PRO C 90 2.89 -3.28 -40.07
C PRO C 90 1.85 -4.18 -39.38
N PRO C 91 1.61 -5.38 -39.92
CA PRO C 91 0.83 -6.37 -39.21
C PRO C 91 1.11 -6.55 -37.71
N VAL C 92 2.40 -6.58 -37.34
CA VAL C 92 2.74 -6.88 -35.97
C VAL C 92 2.07 -5.83 -35.02
N VAL C 93 1.89 -4.59 -35.48
CA VAL C 93 1.24 -3.55 -34.65
C VAL C 93 -0.21 -3.92 -34.37
N HIS C 94 -0.87 -4.31 -35.43
CA HIS C 94 -2.28 -4.67 -35.31
C HIS C 94 -2.52 -5.86 -34.38
N LEU C 95 -1.67 -6.86 -34.57
CA LEU C 95 -1.76 -8.12 -33.86
C LEU C 95 -1.44 -7.97 -32.39
N THR C 96 -0.42 -7.15 -32.09
CA THR C 96 -0.03 -6.85 -30.74
C THR C 96 -1.16 -6.15 -29.98
N LEU C 97 -1.79 -5.22 -30.63
CA LEU C 97 -2.92 -4.52 -30.08
C LEU C 97 -4.17 -5.40 -29.86
N ARG C 98 -4.57 -6.21 -30.82
CA ARG C 98 -5.75 -7.05 -30.64
C ARG C 98 -5.49 -8.04 -29.52
N GLN C 99 -4.26 -8.54 -29.41
CA GLN C 99 -3.92 -9.45 -28.34
C GLN C 99 -3.82 -8.83 -26.91
N ALA C 100 -3.21 -7.66 -26.81
CA ALA C 100 -3.24 -6.92 -25.60
C ALA C 100 -4.68 -6.55 -25.22
N GLY C 101 -5.49 -6.06 -26.18
CA GLY C 101 -6.87 -5.80 -25.94
C GLY C 101 -7.65 -6.98 -25.43
N ASP C 102 -7.48 -8.11 -26.10
CA ASP C 102 -8.18 -9.29 -25.66
C ASP C 102 -7.75 -9.71 -24.24
N ASP C 103 -6.46 -9.59 -23.97
CA ASP C 103 -5.87 -9.95 -22.66
C ASP C 103 -6.46 -9.02 -21.53
N PHE C 104 -6.56 -7.73 -21.83
CA PHE C 104 -7.17 -6.72 -20.97
C PHE C 104 -8.69 -7.04 -20.70
N SER C 105 -9.41 -7.41 -21.75
CA SER C 105 -10.84 -7.71 -21.62
CA SER C 105 -10.85 -7.82 -21.71
C SER C 105 -11.14 -8.98 -20.83
N ARG C 106 -10.26 -9.96 -20.92
CA ARG C 106 -10.36 -11.15 -20.18
C ARG C 106 -10.10 -10.79 -18.72
N ARG C 107 -9.06 -10.07 -18.42
CA ARG C 107 -8.76 -9.81 -17.02
C ARG C 107 -9.82 -8.94 -16.38
N TYR C 108 -10.38 -8.00 -17.12
CA TYR C 108 -11.23 -6.94 -16.56
C TYR C 108 -12.71 -7.04 -17.00
N ARG C 109 -13.14 -8.27 -17.26
CA ARG C 109 -14.44 -8.61 -17.87
C ARG C 109 -15.62 -8.21 -17.01
N ARG C 110 -15.50 -8.48 -15.74
CA ARG C 110 -16.55 -8.11 -14.81
C ARG C 110 -16.77 -6.58 -14.85
N ASP C 111 -15.72 -5.76 -15.04
CA ASP C 111 -15.81 -4.31 -14.96
C ASP C 111 -16.50 -3.73 -16.19
N PHE C 112 -16.13 -4.26 -17.35
CA PHE C 112 -16.84 -3.90 -18.56
C PHE C 112 -18.28 -4.38 -18.58
N ALA C 113 -18.54 -5.59 -18.09
CA ALA C 113 -19.90 -6.13 -18.01
C ALA C 113 -20.80 -5.23 -17.20
N GLU C 114 -20.24 -4.72 -16.10
CA GLU C 114 -20.99 -3.81 -15.24
C GLU C 114 -21.23 -2.49 -16.01
N MET C 115 -20.23 -1.98 -16.70
CA MET C 115 -20.38 -0.76 -17.52
C MET C 115 -21.46 -0.93 -18.58
N SER C 116 -21.30 -1.96 -19.40
CA SER C 116 -22.12 -2.09 -20.61
C SER C 116 -23.54 -2.49 -20.28
N SER C 117 -23.76 -3.23 -19.19
CA SER C 117 -25.14 -3.51 -18.72
C SER C 117 -25.84 -2.23 -18.29
N GLN C 118 -25.11 -1.38 -17.56
CA GLN C 118 -25.63 -0.11 -17.01
C GLN C 118 -25.45 1.05 -17.99
N LEU C 119 -25.77 0.77 -19.25
CA LEU C 119 -25.51 1.68 -20.33
C LEU C 119 -26.87 1.80 -21.02
N HIS C 120 -27.50 2.95 -20.86
CA HIS C 120 -28.60 3.32 -21.71
C HIS C 120 -27.84 4.07 -22.77
N LEU C 121 -28.05 3.66 -24.01
CA LEU C 121 -27.24 4.11 -25.11
C LEU C 121 -28.22 4.56 -26.20
N THR C 122 -28.06 5.79 -26.68
CA THR C 122 -28.90 6.32 -27.76
C THR C 122 -27.93 7.11 -28.63
N PRO C 123 -28.26 7.31 -29.92
CA PRO C 123 -27.34 8.07 -30.78
C PRO C 123 -26.92 9.44 -30.23
N PHE C 124 -27.83 10.11 -29.53
CA PHE C 124 -27.51 11.38 -28.81
C PHE C 124 -26.51 11.16 -27.66
N THR C 125 -26.81 10.20 -26.83
CA THR C 125 -26.21 10.04 -25.52
C THR C 125 -24.81 9.47 -25.68
N ALA C 126 -24.59 8.74 -26.79
CA ALA C 126 -23.40 7.92 -26.92
C ALA C 126 -22.14 8.74 -26.84
N ARG C 127 -22.13 9.93 -27.44
CA ARG C 127 -20.91 10.74 -27.49
C ARG C 127 -20.56 11.27 -26.11
N GLY C 128 -21.57 11.69 -25.36
CA GLY C 128 -21.36 12.13 -24.00
C GLY C 128 -20.80 11.07 -23.08
N ARG C 129 -21.27 9.82 -23.20
CA ARG C 129 -20.71 8.68 -22.45
C ARG C 129 -19.23 8.41 -22.77
N PHE C 130 -18.96 8.24 -24.06
CA PHE C 130 -17.61 8.09 -24.55
C PHE C 130 -16.74 9.20 -23.95
N ALA C 131 -17.16 10.46 -24.12
CA ALA C 131 -16.36 11.63 -23.73
C ALA C 131 -15.99 11.62 -22.28
N THR C 132 -16.98 11.36 -21.44
CA THR C 132 -16.76 11.36 -19.95
C THR C 132 -15.72 10.33 -19.55
N VAL C 133 -15.84 9.16 -20.16
CA VAL C 133 -14.95 8.04 -19.86
C VAL C 133 -13.49 8.35 -20.29
N VAL C 134 -13.31 8.68 -21.54
CA VAL C 134 -12.00 8.93 -22.09
C VAL C 134 -11.36 10.13 -21.42
N GLU C 135 -12.15 11.14 -21.01
CA GLU C 135 -11.59 12.27 -20.25
C GLU C 135 -11.01 11.87 -18.91
N GLU C 136 -11.76 11.07 -18.17
CA GLU C 136 -11.33 10.57 -16.86
C GLU C 136 -10.15 9.63 -17.05
N LEU C 137 -10.18 8.85 -18.12
CA LEU C 137 -9.12 7.90 -18.41
C LEU C 137 -7.74 8.52 -18.57
N PHE C 138 -7.69 9.63 -19.28
CA PHE C 138 -6.46 10.29 -19.56
C PHE C 138 -6.29 11.58 -18.79
N ARG C 139 -7.04 11.76 -17.72
CA ARG C 139 -7.04 13.04 -16.92
C ARG C 139 -5.62 13.51 -16.55
N ASP C 140 -4.85 12.59 -15.98
CA ASP C 140 -3.55 12.87 -15.43
C ASP C 140 -2.43 12.08 -16.11
N GLY C 141 -2.65 11.69 -17.36
CA GLY C 141 -1.50 11.21 -18.18
C GLY C 141 -1.91 10.21 -19.13
N VAL C 142 -0.94 9.71 -19.86
CA VAL C 142 -1.15 8.58 -20.77
C VAL C 142 -0.11 7.58 -20.43
N ASN C 143 -0.46 6.29 -20.51
CA ASN C 143 0.52 5.22 -20.67
C ASN C 143 -0.05 4.14 -21.56
N TRP C 144 0.70 3.11 -21.90
CA TRP C 144 0.23 2.12 -22.81
C TRP C 144 -0.95 1.38 -22.20
N GLY C 145 -1.04 1.25 -20.89
CA GLY C 145 -2.16 0.43 -20.37
C GLY C 145 -3.48 1.22 -20.54
N ARG C 146 -3.43 2.55 -20.24
CA ARG C 146 -4.60 3.41 -20.51
C ARG C 146 -5.02 3.40 -22.01
N ILE C 147 -4.07 3.40 -22.90
CA ILE C 147 -4.35 3.27 -24.34
C ILE C 147 -5.09 1.96 -24.66
N VAL C 148 -4.64 0.87 -24.09
CA VAL C 148 -5.32 -0.38 -24.29
C VAL C 148 -6.74 -0.31 -23.72
N ALA C 149 -6.91 0.35 -22.56
CA ALA C 149 -8.18 0.42 -21.93
C ALA C 149 -9.12 1.24 -22.83
N PHE C 150 -8.58 2.31 -23.43
CA PHE C 150 -9.22 3.11 -24.46
C PHE C 150 -9.72 2.32 -25.61
N PHE C 151 -8.86 1.48 -26.17
CA PHE C 151 -9.25 0.67 -27.30
C PHE C 151 -10.35 -0.32 -26.99
N GLU C 152 -10.25 -1.02 -25.86
CA GLU C 152 -11.27 -1.89 -25.45
C GLU C 152 -12.50 -1.17 -25.04
N PHE C 153 -12.39 0.00 -24.40
CA PHE C 153 -13.63 0.71 -24.12
C PHE C 153 -14.38 1.06 -25.42
N GLY C 154 -13.67 1.57 -26.42
CA GLY C 154 -14.30 1.87 -27.70
C GLY C 154 -14.89 0.60 -28.31
N GLY C 155 -14.22 -0.55 -28.16
CA GLY C 155 -14.70 -1.81 -28.64
C GLY C 155 -15.96 -2.34 -28.04
N VAL C 156 -16.09 -2.15 -26.74
CA VAL C 156 -17.30 -2.44 -26.01
C VAL C 156 -18.50 -1.57 -26.42
N MET C 157 -18.29 -0.24 -26.66
CA MET C 157 -19.34 0.61 -27.18
C MET C 157 -19.78 0.25 -28.64
N CYS C 158 -18.86 -0.24 -29.43
CA CYS C 158 -19.18 -0.76 -30.69
C CYS C 158 -20.07 -2.04 -30.66
N VAL C 159 -19.67 -3.00 -29.84
CA VAL C 159 -20.37 -4.23 -29.69
C VAL C 159 -21.73 -3.96 -29.11
N GLU C 160 -21.80 -3.10 -28.11
CA GLU C 160 -23.07 -2.81 -27.52
C GLU C 160 -24.02 -2.16 -28.59
N SER C 161 -23.47 -1.32 -29.43
CA SER C 161 -24.23 -0.61 -30.49
C SER C 161 -24.90 -1.58 -31.42
N VAL C 162 -24.14 -2.59 -31.85
CA VAL C 162 -24.62 -3.59 -32.78
C VAL C 162 -25.65 -4.45 -32.03
N ASN C 163 -25.35 -4.79 -30.76
CA ASN C 163 -26.28 -5.56 -29.95
C ASN C 163 -27.63 -4.88 -29.80
N ARG C 164 -27.66 -3.55 -29.66
CA ARG C 164 -28.88 -2.78 -29.50
C ARG C 164 -29.51 -2.28 -30.81
N GLU C 165 -29.08 -2.84 -31.93
CA GLU C 165 -29.62 -2.53 -33.21
C GLU C 165 -29.29 -1.09 -33.62
N MET C 166 -28.13 -0.58 -33.20
CA MET C 166 -27.71 0.75 -33.56
C MET C 166 -26.35 0.62 -34.23
N SER C 167 -26.25 -0.26 -35.22
CA SER C 167 -24.99 -0.48 -35.99
C SER C 167 -24.35 0.81 -36.58
N PRO C 168 -25.15 1.79 -37.09
CA PRO C 168 -24.46 2.99 -37.66
C PRO C 168 -23.61 3.76 -36.61
N LEU C 169 -23.90 3.56 -35.35
CA LEU C 169 -23.07 4.17 -34.32
C LEU C 169 -21.64 3.69 -34.28
N VAL C 170 -21.36 2.51 -34.83
CA VAL C 170 -19.97 2.03 -34.88
C VAL C 170 -19.09 2.97 -35.75
N ASP C 171 -19.62 3.46 -36.84
CA ASP C 171 -18.88 4.42 -37.69
C ASP C 171 -18.52 5.70 -36.93
N ASN C 172 -19.48 6.23 -36.20
CA ASN C 172 -19.28 7.40 -35.35
C ASN C 172 -18.21 7.12 -34.28
N ILE C 173 -18.25 5.95 -33.66
CA ILE C 173 -17.40 5.62 -32.51
C ILE C 173 -15.97 5.48 -33.00
N ALA C 174 -15.80 4.86 -34.17
CA ALA C 174 -14.53 4.77 -34.87
C ALA C 174 -13.98 6.13 -35.22
N LEU C 175 -14.87 7.07 -35.63
CA LEU C 175 -14.46 8.43 -35.83
C LEU C 175 -14.01 9.08 -34.53
N TRP C 176 -14.75 8.87 -33.47
CA TRP C 176 -14.38 9.57 -32.24
C TRP C 176 -12.99 9.06 -31.70
N MET C 177 -12.76 7.77 -31.88
CA MET C 177 -11.57 7.10 -31.41
C MET C 177 -10.43 7.61 -32.26
N THR C 178 -10.60 7.64 -33.58
CA THR C 178 -9.58 8.15 -34.50
C THR C 178 -9.18 9.55 -34.21
N GLU C 179 -10.15 10.42 -34.01
CA GLU C 179 -9.84 11.81 -33.69
C GLU C 179 -9.22 12.04 -32.30
N TYR C 180 -9.69 11.36 -31.27
CA TYR C 180 -9.02 11.39 -29.98
C TYR C 180 -7.51 10.95 -30.06
N LEU C 181 -7.24 9.83 -30.76
CA LEU C 181 -5.93 9.40 -31.06
C LEU C 181 -5.12 10.44 -31.75
N ASN C 182 -5.58 10.90 -32.92
CA ASN C 182 -4.89 11.87 -33.74
C ASN C 182 -4.69 13.21 -32.98
N ARG C 183 -5.66 13.63 -32.19
CA ARG C 183 -5.60 14.97 -31.60
C ARG C 183 -5.03 14.98 -30.19
N HIS C 184 -5.15 13.89 -29.41
CA HIS C 184 -4.71 13.88 -27.99
C HIS C 184 -3.71 12.83 -27.59
N LEU C 185 -3.61 11.71 -28.31
CA LEU C 185 -2.69 10.68 -27.89
C LEU C 185 -1.50 10.58 -28.83
N HIS C 186 -1.58 11.06 -30.07
CA HIS C 186 -0.51 10.96 -31.01
C HIS C 186 0.88 11.45 -30.54
N THR C 187 0.94 12.66 -29.97
CA THR C 187 2.23 13.22 -29.61
C THR C 187 2.88 12.44 -28.45
N TRP C 188 2.08 11.97 -27.50
CA TRP C 188 2.60 11.13 -26.48
C TRP C 188 3.14 9.80 -27.10
N ILE C 189 2.35 9.19 -27.99
CA ILE C 189 2.78 7.95 -28.61
C ILE C 189 4.15 8.16 -29.29
N GLN C 190 4.27 9.21 -30.06
CA GLN C 190 5.53 9.52 -30.74
C GLN C 190 6.69 9.82 -29.75
N ASP C 191 6.41 10.62 -28.71
CA ASP C 191 7.39 10.91 -27.68
C ASP C 191 7.86 9.68 -26.91
N ASN C 192 7.05 8.63 -26.91
CA ASN C 192 7.40 7.42 -26.20
C ASN C 192 7.80 6.27 -27.11
N GLY C 193 8.24 6.59 -28.32
CA GLY C 193 8.80 5.62 -29.23
C GLY C 193 7.95 5.00 -30.29
N GLY C 194 6.75 5.52 -30.42
CA GLY C 194 5.80 5.06 -31.35
C GLY C 194 5.19 3.75 -30.96
N TRP C 195 4.33 3.29 -31.83
CA TRP C 195 3.71 1.99 -31.69
C TRP C 195 4.72 0.80 -31.63
N ASP C 196 5.89 0.98 -32.25
CA ASP C 196 7.03 0.07 -32.06
C ASP C 196 7.42 -0.14 -30.61
N ALA C 197 7.34 0.90 -29.78
CA ALA C 197 7.58 0.73 -28.34
C ALA C 197 6.56 -0.14 -27.68
N PHE C 198 5.31 -0.04 -28.09
CA PHE C 198 4.31 -0.84 -27.56
C PHE C 198 4.51 -2.35 -27.92
N VAL C 199 4.80 -2.59 -29.20
CA VAL C 199 5.11 -3.92 -29.70
C VAL C 199 6.24 -4.61 -28.90
N GLU C 200 7.30 -3.87 -28.68
CA GLU C 200 8.39 -4.29 -27.82
C GLU C 200 8.01 -4.57 -26.35
N LEU C 201 7.20 -3.71 -25.76
CA LEU C 201 6.74 -3.87 -24.37
C LEU C 201 5.93 -5.11 -24.21
N TYR C 202 4.98 -5.29 -25.12
CA TYR C 202 4.06 -6.40 -25.05
C TYR C 202 4.66 -7.74 -25.53
N GLY C 203 5.79 -7.74 -26.27
CA GLY C 203 6.31 -8.97 -26.80
C GLY C 203 6.56 -10.02 -25.72
N PRO C 204 7.22 -9.65 -24.59
CA PRO C 204 7.41 -10.61 -23.47
C PRO C 204 6.10 -11.23 -22.99
N SER C 205 4.99 -10.46 -22.92
CA SER C 205 3.66 -11.10 -22.66
C SER C 205 3.13 -11.96 -23.82
N MET C 206 3.44 -11.63 -25.07
CA MET C 206 3.01 -12.43 -26.25
C MET C 206 3.67 -13.78 -26.25
N ARG C 207 5.01 -13.77 -26.07
CA ARG C 207 5.85 -14.97 -26.05
C ARG C 207 5.47 -16.00 -24.96
N LEU C 208 4.61 -15.62 -24.00
CA LEU C 208 3.98 -16.58 -23.05
C LEU C 208 2.80 -17.33 -23.69
N GLU C 209 1.89 -16.57 -24.31
CA GLU C 209 0.81 -17.14 -25.15
C GLU C 209 1.37 -17.62 -26.51
N ASP D 3 17.86 -10.94 -8.27
CA ASP D 3 16.81 -11.52 -7.39
C ASP D 3 15.38 -11.23 -7.92
N PRO D 4 14.63 -12.29 -8.35
CA PRO D 4 13.24 -12.19 -8.90
C PRO D 4 12.19 -11.63 -7.93
N LYS D 5 12.39 -11.85 -6.64
CA LYS D 5 11.53 -11.26 -5.65
C LYS D 5 11.46 -9.74 -5.82
N LYS D 6 12.56 -9.06 -6.15
CA LYS D 6 12.55 -7.62 -6.32
C LYS D 6 11.70 -7.14 -7.47
N VAL D 7 11.58 -7.91 -8.55
CA VAL D 7 10.70 -7.50 -9.64
C VAL D 7 9.28 -7.59 -9.13
N LEU D 8 8.95 -8.69 -8.47
CA LEU D 8 7.65 -8.87 -7.92
C LEU D 8 7.32 -7.75 -6.86
N ASP D 9 8.29 -7.34 -6.06
CA ASP D 9 8.10 -6.30 -5.01
C ASP D 9 7.77 -4.96 -5.56
N LYS D 10 8.45 -4.58 -6.64
CA LYS D 10 8.17 -3.30 -7.26
C LYS D 10 6.75 -3.29 -7.89
N ALA D 11 6.37 -4.37 -8.54
CA ALA D 11 5.03 -4.48 -9.14
C ALA D 11 3.89 -4.44 -8.05
N LYS D 12 4.14 -5.06 -6.89
CA LYS D 12 3.24 -5.03 -5.74
C LYS D 12 3.08 -3.65 -5.20
N ASP D 13 4.21 -3.00 -5.00
CA ASP D 13 4.22 -1.64 -4.54
C ASP D 13 3.36 -0.70 -5.43
N GLU D 14 3.60 -0.81 -6.74
CA GLU D 14 2.95 -0.01 -7.74
C GLU D 14 1.43 -0.24 -7.75
N ALA D 15 1.03 -1.49 -7.61
CA ALA D 15 -0.34 -1.89 -7.59
C ALA D 15 -1.03 -1.51 -6.32
N GLU D 16 -0.37 -1.66 -5.19
CA GLU D 16 -0.95 -1.28 -3.93
C GLU D 16 -1.09 0.26 -3.91
N ASN D 17 -0.12 0.99 -4.39
CA ASN D 17 -0.23 2.49 -4.48
C ASN D 17 -1.36 2.94 -5.36
N ARG D 18 -1.54 2.25 -6.48
CA ARG D 18 -2.52 2.67 -7.40
C ARG D 18 -3.93 2.47 -6.85
N VAL D 19 -4.14 1.35 -6.17
CA VAL D 19 -5.45 1.08 -5.46
C VAL D 19 -5.70 2.20 -4.40
N ARG D 20 -4.65 2.65 -3.70
CA ARG D 20 -4.79 3.70 -2.67
C ARG D 20 -5.10 4.96 -3.37
N GLU D 21 -4.54 5.16 -4.59
CA GLU D 21 -4.90 6.36 -5.35
C GLU D 21 -6.31 6.26 -5.80
N LEU D 22 -6.77 5.10 -6.25
CA LEU D 22 -8.18 4.95 -6.57
C LEU D 22 -9.14 5.31 -5.40
N LYS D 23 -8.85 4.85 -4.21
CA LYS D 23 -9.64 5.07 -3.04
C LYS D 23 -9.70 6.57 -2.83
N GLN D 24 -8.55 7.20 -2.84
CA GLN D 24 -8.42 8.63 -2.86
C GLN D 24 -9.25 9.36 -3.85
N ARG D 25 -9.18 8.94 -5.12
CA ARG D 25 -9.97 9.61 -6.16
C ARG D 25 -11.50 9.48 -5.94
N LEU D 26 -11.93 8.33 -5.45
CA LEU D 26 -13.33 8.05 -5.17
C LEU D 26 -13.83 8.78 -3.92
N GLU D 27 -12.94 9.02 -2.97
CA GLU D 27 -13.21 9.94 -1.85
C GLU D 27 -13.35 11.40 -2.28
N GLU D 28 -12.49 11.90 -3.16
CA GLU D 28 -12.72 13.19 -3.80
C GLU D 28 -14.08 13.17 -4.42
N LEU D 29 -14.35 12.20 -5.27
CA LEU D 29 -15.66 12.15 -5.92
C LEU D 29 -16.85 12.10 -4.94
N TYR D 30 -16.73 11.38 -3.84
CA TYR D 30 -17.80 11.26 -2.83
C TYR D 30 -17.97 12.51 -1.99
N LYS D 31 -16.85 13.20 -1.78
CA LYS D 31 -16.80 14.44 -1.00
C LYS D 31 -17.54 15.57 -1.71
N GLU D 32 -17.20 15.76 -2.98
CA GLU D 32 -17.83 16.78 -3.80
C GLU D 32 -19.19 16.33 -4.33
N ALA D 33 -19.56 15.08 -4.07
CA ALA D 33 -20.98 14.67 -4.16
C ALA D 33 -21.79 15.08 -2.92
N ARG D 34 -21.20 14.87 -1.75
CA ARG D 34 -21.82 15.16 -0.45
C ARG D 34 -22.27 16.60 -0.29
N LYS D 35 -21.38 17.54 -0.59
CA LYS D 35 -21.66 18.98 -0.42
C LYS D 35 -22.73 19.48 -1.38
N LEU D 36 -22.66 18.91 -2.58
CA LEU D 36 -23.24 19.49 -3.75
C LEU D 36 -24.69 19.04 -3.84
N ASP D 37 -25.46 19.67 -4.72
CA ASP D 37 -26.86 19.32 -4.77
C ASP D 37 -27.08 17.94 -5.32
N LEU D 38 -28.27 17.46 -5.04
CA LEU D 38 -28.64 16.08 -5.13
C LEU D 38 -29.38 15.81 -6.45
N THR D 39 -28.84 16.26 -7.60
CA THR D 39 -29.56 16.09 -8.89
C THR D 39 -29.22 14.75 -9.52
N GLN D 40 -30.08 14.25 -10.40
CA GLN D 40 -29.81 12.96 -11.08
C GLN D 40 -28.70 13.03 -12.10
N GLU D 41 -28.74 14.04 -12.95
CA GLU D 41 -27.69 14.25 -13.94
C GLU D 41 -26.26 14.26 -13.30
N MET D 42 -26.12 15.02 -12.21
CA MET D 42 -24.83 15.27 -11.56
C MET D 42 -24.30 13.98 -10.88
N ARG D 43 -25.25 13.18 -10.38
CA ARG D 43 -25.01 11.92 -9.69
C ARG D 43 -24.63 10.80 -10.64
N GLN D 44 -25.36 10.71 -11.74
CA GLN D 44 -24.98 9.82 -12.82
C GLN D 44 -23.57 10.14 -13.35
N GLU D 45 -23.22 11.42 -13.51
CA GLU D 45 -21.87 11.82 -13.92
C GLU D 45 -20.82 11.26 -12.93
N LEU D 46 -21.10 11.31 -11.64
CA LEU D 46 -20.14 10.85 -10.63
C LEU D 46 -19.98 9.34 -10.67
N VAL D 47 -21.09 8.62 -10.79
CA VAL D 47 -21.06 7.21 -10.95
C VAL D 47 -20.27 6.84 -12.19
N ASP D 48 -20.52 7.51 -13.32
CA ASP D 48 -19.70 7.30 -14.52
C ASP D 48 -18.24 7.65 -14.35
N LYS D 49 -17.95 8.77 -13.69
CA LYS D 49 -16.53 9.03 -13.41
C LYS D 49 -15.87 7.94 -12.56
N ALA D 50 -16.63 7.29 -11.69
CA ALA D 50 -16.14 6.25 -10.80
C ALA D 50 -15.78 5.03 -11.64
N ARG D 51 -16.66 4.66 -12.57
CA ARG D 51 -16.42 3.55 -13.45
C ARG D 51 -15.21 3.84 -14.27
N ALA D 52 -15.06 5.08 -14.79
CA ALA D 52 -13.94 5.40 -15.60
C ALA D 52 -12.63 5.42 -14.79
N ALA D 53 -12.72 5.89 -13.53
CA ALA D 53 -11.61 5.90 -12.64
C ALA D 53 -11.13 4.42 -12.34
N SER D 54 -12.02 3.51 -12.07
CA SER D 54 -11.60 2.09 -12.04
C SER D 54 -10.96 1.57 -13.30
N LEU D 55 -11.49 1.95 -14.45
CA LEU D 55 -10.94 1.51 -15.72
C LEU D 55 -9.49 2.00 -15.82
N GLN D 56 -9.26 3.21 -15.40
CA GLN D 56 -7.96 3.78 -15.41
C GLN D 56 -7.06 3.01 -14.48
N ALA D 57 -7.46 2.78 -13.24
CA ALA D 57 -6.62 1.96 -12.31
C ALA D 57 -6.27 0.58 -12.88
N ASN D 58 -7.22 -0.02 -13.59
CA ASN D 58 -7.02 -1.29 -14.17
C ASN D 58 -5.99 -1.21 -15.30
N GLY D 59 -6.10 -0.14 -16.13
CA GLY D 59 -5.10 0.17 -17.06
C GLY D 59 -3.69 0.23 -16.51
N ASP D 60 -3.52 0.91 -15.38
CA ASP D 60 -2.29 1.30 -14.86
C ASP D 60 -1.66 0.09 -14.20
N ILE D 61 -2.49 -0.75 -13.62
CA ILE D 61 -2.00 -1.98 -13.05
C ILE D 61 -1.66 -2.99 -14.15
N PHE D 62 -2.46 -3.06 -15.18
CA PHE D 62 -2.07 -3.80 -16.36
C PHE D 62 -0.71 -3.36 -16.87
N TYR D 63 -0.51 -2.05 -16.99
CA TYR D 63 0.71 -1.56 -17.47
C TYR D 63 1.87 -1.94 -16.53
N ALA D 64 1.67 -1.81 -15.20
CA ALA D 64 2.72 -2.16 -14.28
C ALA D 64 3.17 -3.64 -14.49
N ILE D 65 2.23 -4.52 -14.74
CA ILE D 65 2.52 -5.93 -14.93
C ILE D 65 3.18 -6.17 -16.31
N LEU D 66 2.77 -5.45 -17.37
CA LEU D 66 3.50 -5.50 -18.63
C LEU D 66 4.94 -5.07 -18.42
N ARG D 67 5.19 -4.00 -17.65
CA ARG D 67 6.58 -3.56 -17.36
C ARG D 67 7.39 -4.60 -16.57
N ALA D 68 6.78 -5.21 -15.54
CA ALA D 68 7.47 -6.21 -14.75
C ALA D 68 7.86 -7.50 -15.59
N LEU D 69 6.98 -7.91 -16.47
CA LEU D 69 7.24 -8.96 -17.39
C LEU D 69 8.31 -8.60 -18.35
N ALA D 70 8.34 -7.35 -18.78
CA ALA D 70 9.38 -6.95 -19.68
C ALA D 70 10.73 -6.98 -18.99
N GLU D 71 10.77 -6.43 -17.79
CA GLU D 71 12.01 -6.40 -17.04
C GLU D 71 12.46 -7.87 -16.75
N ALA D 72 11.50 -8.73 -16.41
CA ALA D 72 11.77 -10.14 -16.18
C ALA D 72 12.43 -10.77 -17.39
N GLU D 73 11.90 -10.48 -18.57
CA GLU D 73 12.43 -11.06 -19.77
C GLU D 73 13.88 -10.57 -20.00
N LYS D 74 14.20 -9.32 -19.72
CA LYS D 74 15.55 -8.85 -19.83
C LYS D 74 16.49 -9.57 -18.91
N LEU D 75 16.07 -9.75 -17.67
CA LEU D 75 16.85 -10.49 -16.68
C LEU D 75 17.14 -11.90 -17.20
N LYS D 76 16.17 -12.49 -17.91
CA LYS D 76 16.33 -13.84 -18.36
C LYS D 76 17.36 -13.92 -19.46
N LYS D 77 17.25 -13.01 -20.44
CA LYS D 77 18.22 -12.90 -21.53
C LYS D 77 19.63 -12.61 -21.05
N ALA D 78 19.78 -11.79 -20.02
CA ALA D 78 21.08 -11.60 -19.36
C ALA D 78 21.56 -12.80 -18.53
N GLY D 79 20.72 -13.81 -18.34
CA GLY D 79 21.05 -14.95 -17.52
C GLY D 79 21.05 -14.73 -16.01
N LEU D 80 20.39 -13.68 -15.55
CA LEU D 80 20.28 -13.38 -14.11
C LEU D 80 19.08 -14.00 -13.44
N VAL D 81 18.26 -14.68 -14.22
CA VAL D 81 17.09 -15.39 -13.69
C VAL D 81 16.90 -16.53 -14.68
N ASN D 82 16.27 -17.61 -14.24
CA ASN D 82 16.16 -18.81 -15.05
C ASN D 82 14.69 -19.01 -15.42
N SER D 83 14.40 -20.04 -16.20
CA SER D 83 13.03 -20.20 -16.68
C SER D 83 12.01 -20.55 -15.58
N GLN D 84 12.47 -21.20 -14.50
CA GLN D 84 11.66 -21.59 -13.34
C GLN D 84 11.28 -20.39 -12.49
N GLN D 85 12.27 -19.55 -12.18
CA GLN D 85 12.06 -18.35 -11.40
C GLN D 85 11.17 -17.37 -12.13
N LEU D 86 11.38 -17.29 -13.44
CA LEU D 86 10.48 -16.56 -14.33
C LEU D 86 9.07 -17.17 -14.35
N ASP D 87 8.96 -18.50 -14.29
CA ASP D 87 7.65 -19.17 -14.16
C ASP D 87 6.92 -18.76 -12.85
N GLU D 88 7.66 -18.71 -11.75
CA GLU D 88 7.12 -18.33 -10.47
C GLU D 88 6.72 -16.85 -10.49
N LEU D 89 7.53 -16.03 -11.15
CA LEU D 89 7.25 -14.61 -11.23
C LEU D 89 5.96 -14.33 -12.03
N LYS D 90 5.86 -14.96 -13.19
CA LYS D 90 4.63 -14.84 -14.01
C LYS D 90 3.43 -15.23 -13.16
N ARG D 91 3.54 -16.38 -12.46
CA ARG D 91 2.44 -16.86 -11.55
C ARG D 91 2.02 -15.79 -10.49
N ARG D 92 3.01 -15.22 -9.79
CA ARG D 92 2.78 -14.22 -8.75
C ARG D 92 2.23 -12.91 -9.29
N LEU D 93 2.73 -12.48 -10.46
CA LEU D 93 2.17 -11.34 -11.13
C LEU D 93 0.73 -11.46 -11.54
N GLU D 94 0.30 -12.62 -12.01
CA GLU D 94 -1.11 -12.84 -12.37
C GLU D 94 -2.02 -12.87 -11.11
N GLU D 95 -1.57 -13.50 -10.03
CA GLU D 95 -2.36 -13.52 -8.78
C GLU D 95 -2.43 -12.09 -8.27
N LEU D 96 -1.30 -11.38 -8.36
CA LEU D 96 -1.29 -9.96 -8.02
C LEU D 96 -2.28 -9.12 -8.78
N ALA D 97 -2.34 -9.30 -10.12
CA ALA D 97 -3.27 -8.53 -10.94
C ALA D 97 -4.71 -8.80 -10.45
N GLU D 98 -4.98 -10.05 -10.16
CA GLU D 98 -6.32 -10.42 -9.79
C GLU D 98 -6.62 -9.84 -8.37
N GLU D 99 -5.68 -9.96 -7.45
CA GLU D 99 -5.87 -9.40 -6.07
C GLU D 99 -6.12 -7.92 -6.13
N ALA D 100 -5.41 -7.20 -7.00
CA ALA D 100 -5.66 -5.76 -7.19
C ALA D 100 -7.01 -5.42 -7.82
N ARG D 101 -7.33 -6.18 -8.85
CA ARG D 101 -8.62 -6.02 -9.47
C ARG D 101 -9.81 -6.25 -8.48
N ARG D 102 -9.76 -7.33 -7.72
N ARG D 102 -9.81 -7.32 -7.69
CA ARG D 102 -10.76 -7.60 -6.68
CA ARG D 102 -10.91 -7.52 -6.71
C ARG D 102 -10.88 -6.40 -5.72
C ARG D 102 -10.92 -6.38 -5.70
N LYS D 103 -9.75 -5.88 -5.28
CA LYS D 103 -9.72 -4.69 -4.39
C LYS D 103 -10.34 -3.46 -4.95
N ALA D 104 -9.96 -3.11 -6.19
CA ALA D 104 -10.64 -2.03 -6.93
C ALA D 104 -12.11 -2.18 -7.08
N GLU D 105 -12.59 -3.41 -7.31
CA GLU D 105 -14.04 -3.63 -7.39
C GLU D 105 -14.77 -3.35 -6.04
N LYS D 106 -14.18 -3.75 -4.93
CA LYS D 106 -14.77 -3.45 -3.64
C LYS D 106 -14.84 -1.97 -3.49
N LEU D 107 -13.75 -1.28 -3.81
CA LEU D 107 -13.81 0.15 -3.67
C LEU D 107 -14.88 0.70 -4.55
N ARG D 108 -14.98 0.22 -5.80
CA ARG D 108 -15.95 0.79 -6.73
C ARG D 108 -17.39 0.51 -6.26
N ASP D 109 -17.71 -0.71 -5.82
CA ASP D 109 -19.07 -0.96 -5.33
C ASP D 109 -19.41 -0.04 -4.18
N GLU D 110 -18.49 0.12 -3.26
CA GLU D 110 -18.82 0.87 -2.08
C GLU D 110 -19.13 2.31 -2.45
N PHE D 111 -18.28 2.95 -3.28
CA PHE D 111 -18.59 4.37 -3.68
C PHE D 111 -19.93 4.54 -4.35
N ARG D 112 -20.23 3.63 -5.26
CA ARG D 112 -21.44 3.73 -6.06
C ARG D 112 -22.71 3.50 -5.27
N LEU D 113 -22.71 2.43 -4.46
CA LEU D 113 -23.88 2.18 -3.62
C LEU D 113 -24.14 3.43 -2.81
N LYS D 114 -23.07 4.00 -2.26
CA LYS D 114 -23.24 5.18 -1.39
C LYS D 114 -23.81 6.34 -2.18
N LEU D 115 -23.32 6.53 -3.40
CA LEU D 115 -23.89 7.53 -4.26
C LEU D 115 -25.37 7.31 -4.60
N GLU D 116 -25.64 6.29 -5.42
CA GLU D 116 -26.95 6.19 -5.97
C GLU D 116 -27.97 6.16 -4.86
N TYR D 117 -27.60 5.57 -3.72
CA TYR D 117 -28.51 5.33 -2.65
C TYR D 117 -28.05 6.05 -1.39
#